data_3HPE
#
_entry.id   3HPE
#
_cell.length_a   30.936
_cell.length_b   61.312
_cell.length_c   88.316
_cell.angle_alpha   90.00
_cell.angle_beta   92.88
_cell.angle_gamma   90.00
#
_symmetry.space_group_name_H-M   'P 1 21 1'
#
loop_
_entity.id
_entity.type
_entity.pdbx_description
1 polymer 'Conserved hypothetical secreted protein'
2 non-polymer (13Z)-docos-13-enamide
3 water water
#
_entity_poly.entity_id   1
_entity_poly.type   'polypeptide(L)'
_entity_poly.pdbx_seq_one_letter_code
;KPYTIDKANSSVWFEVKHFKFNETRGVFDSFDGKIDADPNTKALNVFEGKIDIKSINTRNKKRDDHLKTAEFFDVVKYPK
GSFKMTKYEDGKIHGDLTLHGVTKPVVLEAKIQAPLQNPMNKKEFMVLQAEGKINRKDFGIGKTFSDAVVGDEVKIELKL
EAYA
;
_entity_poly.pdbx_strand_id   A,B
#
loop_
_chem_comp.id
_chem_comp.type
_chem_comp.name
_chem_comp.formula
ERU non-polymer (13Z)-docos-13-enamide 'C22 H43 N O'
#
# COMPACT_ATOMS: atom_id res chain seq x y z
N LYS A 1 -13.50 23.33 12.59
CA LYS A 1 -14.59 22.30 12.45
C LYS A 1 -15.71 22.89 11.59
N PRO A 2 -16.10 22.25 10.44
CA PRO A 2 -15.92 21.02 9.66
C PRO A 2 -14.81 21.02 8.56
N TYR A 3 -14.52 19.83 8.02
CA TYR A 3 -13.41 19.58 7.12
C TYR A 3 -13.78 18.82 5.87
N THR A 4 -13.11 19.13 4.76
CA THR A 4 -13.39 18.41 3.52
C THR A 4 -12.14 17.65 3.08
N ILE A 5 -12.36 16.38 2.76
CA ILE A 5 -11.30 15.44 2.47
C ILE A 5 -10.68 15.82 1.10
N ASP A 6 -9.38 16.10 1.06
CA ASP A 6 -8.68 16.26 -0.25
C ASP A 6 -8.49 14.88 -0.92
N LYS A 7 -9.19 14.60 -1.99
CA LYS A 7 -9.17 13.24 -2.57
C LYS A 7 -7.86 12.89 -3.31
N ALA A 8 -7.08 13.87 -3.70
CA ALA A 8 -5.86 13.55 -4.42
C ALA A 8 -4.77 13.07 -3.44
N ASN A 9 -4.98 13.34 -2.16
CA ASN A 9 -3.98 13.05 -1.17
C ASN A 9 -4.50 12.15 -0.07
N SER A 10 -5.69 11.58 -0.25
CA SER A 10 -6.34 10.76 0.76
C SER A 10 -6.58 9.35 0.29
N SER A 11 -6.52 8.37 1.19
CA SER A 11 -6.60 6.98 0.74
C SER A 11 -7.27 5.98 1.68
N VAL A 12 -7.89 4.95 1.12
CA VAL A 12 -8.61 3.90 1.88
C VAL A 12 -8.00 2.57 1.45
N TRP A 13 -7.22 1.94 2.34
CA TRP A 13 -6.48 0.74 2.00
C TRP A 13 -6.99 -0.46 2.77
N PHE A 14 -6.80 -1.64 2.18
CA PHE A 14 -6.90 -2.89 2.92
C PHE A 14 -5.67 -3.71 2.67
N GLU A 15 -5.42 -4.64 3.59
CA GLU A 15 -4.37 -5.63 3.38
C GLU A 15 -4.85 -6.99 3.87
N VAL A 16 -4.68 -8.02 3.04
CA VAL A 16 -5.12 -9.35 3.41
C VAL A 16 -4.09 -10.42 3.06
N LYS A 17 -3.92 -11.43 3.92
CA LYS A 17 -2.97 -12.49 3.60
C LYS A 17 -3.38 -13.27 2.36
N HIS A 18 -2.40 -13.49 1.47
CA HIS A 18 -2.60 -14.38 0.33
C HIS A 18 -1.64 -15.56 0.54
N PHE A 19 -2.23 -16.75 0.60
CA PHE A 19 -1.54 -18.02 0.86
C PHE A 19 -0.79 -17.97 2.17
N LYS A 20 -1.40 -17.31 3.17
CA LYS A 20 -0.90 -17.19 4.56
C LYS A 20 0.22 -16.19 4.75
N PHE A 21 1.11 -16.04 3.75
CA PHE A 21 2.36 -15.34 4.02
C PHE A 21 2.63 -14.05 3.22
N ASN A 22 1.97 -13.92 2.06
CA ASN A 22 2.08 -12.71 1.28
C ASN A 22 0.91 -11.77 1.55
N GLU A 23 1.21 -10.48 1.72
CA GLU A 23 0.18 -9.50 2.04
C GLU A 23 -0.24 -8.87 0.74
N THR A 24 -1.50 -9.06 0.39
CA THR A 24 -2.08 -8.49 -0.80
C THR A 24 -2.77 -7.19 -0.40
N ARG A 25 -2.43 -6.11 -1.09
CA ARG A 25 -2.95 -4.80 -0.76
C ARG A 25 -3.82 -4.21 -1.84
N GLY A 26 -4.81 -3.42 -1.44
CA GLY A 26 -5.55 -2.69 -2.45
C GLY A 26 -6.19 -1.46 -1.90
N VAL A 27 -6.89 -0.74 -2.74
CA VAL A 27 -7.58 0.46 -2.33
C VAL A 27 -8.99 0.42 -2.88
N PHE A 28 -9.81 1.30 -2.32
CA PHE A 28 -11.02 1.73 -3.01
C PHE A 28 -10.71 3.10 -3.57
N ASP A 29 -10.72 3.20 -4.90
CA ASP A 29 -10.35 4.45 -5.56
C ASP A 29 -11.42 5.53 -5.32
N SER A 30 -12.63 5.11 -5.03
CA SER A 30 -13.69 6.09 -4.99
C SER A 30 -14.42 6.00 -3.63
N PHE A 31 -14.25 7.04 -2.81
CA PHE A 31 -14.87 7.11 -1.49
C PHE A 31 -15.24 8.56 -1.19
N ASP A 32 -16.08 8.73 -0.18
CA ASP A 32 -16.55 10.04 0.29
C ASP A 32 -16.61 10.01 1.81
N GLY A 33 -16.62 11.18 2.44
CA GLY A 33 -16.68 11.28 3.92
C GLY A 33 -17.04 12.67 4.45
N LYS A 34 -17.45 12.67 5.72
CA LYS A 34 -17.74 13.89 6.48
C LYS A 34 -16.86 13.89 7.74
N ILE A 35 -16.20 15.02 7.98
CA ILE A 35 -15.36 15.17 9.17
C ILE A 35 -15.64 16.53 9.83
N ASP A 36 -15.85 16.49 11.15
CA ASP A 36 -15.93 17.69 11.99
C ASP A 36 -15.04 17.46 13.19
N ALA A 37 -14.12 18.37 13.45
CA ALA A 37 -13.14 18.12 14.49
C ALA A 37 -12.62 19.41 15.04
N ASP A 38 -12.11 19.34 16.26
CA ASP A 38 -11.48 20.46 16.90
C ASP A 38 -10.00 20.18 16.77
N PRO A 39 -9.30 20.97 15.91
CA PRO A 39 -7.85 20.77 15.65
C PRO A 39 -7.00 20.96 16.92
N ASN A 40 -7.43 21.87 17.78
CA ASN A 40 -6.83 21.98 19.10
C ASN A 40 -7.61 21.02 19.99
N THR A 41 -6.93 20.29 20.85
CA THR A 41 -7.58 19.20 21.62
C THR A 41 -7.78 17.92 20.79
N LYS A 42 -7.76 18.03 19.46
CA LYS A 42 -7.85 16.86 18.57
C LYS A 42 -9.09 15.93 18.78
N ALA A 43 -10.23 16.51 19.13
CA ALA A 43 -11.45 15.71 19.27
C ALA A 43 -12.20 15.61 17.94
N LEU A 44 -12.54 14.39 17.55
CA LEU A 44 -13.42 14.11 16.42
C LEU A 44 -14.88 14.13 16.88
N ASN A 45 -15.68 14.95 16.20
CA ASN A 45 -17.10 15.08 16.49
C ASN A 45 -17.96 14.33 15.50
N VAL A 46 -17.66 14.46 14.21
CA VAL A 46 -18.36 13.74 13.14
C VAL A 46 -17.34 12.99 12.26
N PHE A 47 -17.64 11.73 11.98
CA PHE A 47 -16.79 10.95 11.10
C PHE A 47 -17.65 9.84 10.53
N GLU A 48 -17.98 9.98 9.24
CA GLU A 48 -18.72 8.98 8.45
C GLU A 48 -18.13 8.93 7.09
N GLY A 49 -18.31 7.82 6.39
CA GLY A 49 -17.82 7.71 5.03
C GLY A 49 -18.49 6.57 4.30
N LYS A 50 -18.26 6.57 2.98
CA LYS A 50 -18.83 5.58 2.06
C LYS A 50 -17.76 5.13 1.08
N ILE A 51 -17.69 3.85 0.74
CA ILE A 51 -16.82 3.48 -0.36
C ILE A 51 -17.68 2.99 -1.49
N ASP A 52 -17.22 3.23 -2.71
CA ASP A 52 -17.90 2.67 -3.89
C ASP A 52 -17.19 1.39 -4.27
N ILE A 53 -17.88 0.28 -4.09
CA ILE A 53 -17.25 -1.05 -4.06
C ILE A 53 -16.67 -1.38 -5.41
N LYS A 54 -17.23 -0.78 -6.47
CA LYS A 54 -16.84 -1.09 -7.85
C LYS A 54 -15.49 -0.47 -8.16
N SER A 55 -15.02 0.38 -7.24
CA SER A 55 -13.72 1.07 -7.41
C SER A 55 -12.56 0.36 -6.68
N ILE A 56 -12.85 -0.82 -6.10
CA ILE A 56 -11.83 -1.67 -5.51
C ILE A 56 -10.59 -1.82 -6.46
N ASN A 57 -9.37 -1.76 -5.93
CA ASN A 57 -8.21 -1.82 -6.86
C ASN A 57 -7.20 -3.01 -6.83
N THR A 58 -6.26 -3.17 -5.92
CA THR A 58 -5.44 -4.43 -6.12
C THR A 58 -4.52 -4.57 -7.39
N ARG A 59 -4.80 -3.80 -8.45
CA ARG A 59 -3.91 -3.77 -9.66
C ARG A 59 -3.81 -5.09 -10.42
N ASN A 60 -4.96 -5.63 -10.79
CA ASN A 60 -5.07 -6.90 -11.47
C ASN A 60 -6.53 -7.05 -11.79
N LYS A 61 -6.83 -7.03 -13.08
CA LYS A 61 -8.21 -7.11 -13.53
C LYS A 61 -8.86 -8.42 -13.09
N LYS A 62 -8.19 -9.56 -13.34
CA LYS A 62 -8.81 -10.84 -13.01
C LYS A 62 -9.29 -10.88 -11.57
N ARG A 63 -8.38 -10.58 -10.65
CA ARG A 63 -8.72 -10.62 -9.24
C ARG A 63 -9.85 -9.63 -8.93
N ASP A 64 -9.79 -8.44 -9.49
CA ASP A 64 -10.71 -7.38 -9.07
C ASP A 64 -12.13 -7.64 -9.55
N ASP A 65 -12.25 -8.16 -10.76
CA ASP A 65 -13.53 -8.62 -11.33
C ASP A 65 -14.13 -9.72 -10.47
N HIS A 66 -13.33 -10.74 -10.16
CA HIS A 66 -13.72 -11.81 -9.25
C HIS A 66 -14.14 -11.23 -7.84
N LEU A 67 -13.54 -10.12 -7.40
CA LEU A 67 -13.93 -9.49 -6.12
C LEU A 67 -15.31 -8.82 -6.13
N LYS A 68 -15.74 -8.31 -7.29
CA LYS A 68 -17.06 -7.65 -7.43
C LYS A 68 -18.20 -8.64 -7.64
N THR A 69 -17.82 -9.84 -8.01
CA THR A 69 -18.70 -11.00 -8.12
C THR A 69 -19.47 -11.36 -6.81
N ALA A 70 -20.56 -12.13 -6.95
CA ALA A 70 -21.29 -12.78 -5.82
C ALA A 70 -20.43 -13.66 -4.89
N GLU A 71 -19.29 -14.14 -5.37
CA GLU A 71 -18.32 -14.90 -4.58
C GLU A 71 -17.64 -14.05 -3.49
N PHE A 72 -17.52 -12.74 -3.71
CA PHE A 72 -16.97 -11.88 -2.69
C PHE A 72 -17.96 -10.76 -2.36
N PHE A 73 -17.76 -9.59 -2.95
CA PHE A 73 -18.56 -8.41 -2.60
C PHE A 73 -20.01 -8.34 -3.08
N ASP A 74 -20.31 -8.92 -4.26
CA ASP A 74 -21.62 -8.84 -4.96
C ASP A 74 -21.99 -7.40 -5.29
N VAL A 75 -21.11 -6.72 -6.03
CA VAL A 75 -21.30 -5.30 -6.28
C VAL A 75 -22.71 -4.92 -6.77
N VAL A 76 -23.32 -5.74 -7.62
CA VAL A 76 -24.71 -5.51 -8.06
C VAL A 76 -25.74 -5.34 -6.94
N LYS A 77 -25.66 -6.22 -5.94
CA LYS A 77 -26.61 -6.23 -4.84
C LYS A 77 -26.23 -5.23 -3.75
N TYR A 78 -24.92 -5.02 -3.57
CA TYR A 78 -24.41 -4.07 -2.59
C TYR A 78 -23.36 -3.14 -3.22
N PRO A 79 -23.80 -2.01 -3.84
CA PRO A 79 -22.83 -1.13 -4.50
C PRO A 79 -21.91 -0.38 -3.52
N LYS A 80 -22.32 -0.26 -2.25
CA LYS A 80 -21.62 0.60 -1.31
C LYS A 80 -21.16 -0.12 -0.02
N GLY A 81 -20.10 0.41 0.57
CA GLY A 81 -19.72 0.20 1.96
C GLY A 81 -19.87 1.52 2.71
N SER A 82 -20.16 1.42 4.02
CA SER A 82 -20.30 2.61 4.86
C SER A 82 -19.76 2.44 6.27
N PHE A 83 -19.30 3.56 6.83
CA PHE A 83 -18.86 3.62 8.21
C PHE A 83 -19.37 4.89 8.89
N LYS A 84 -20.05 4.73 10.03
CA LYS A 84 -20.45 5.90 10.83
C LYS A 84 -19.86 5.81 12.24
N MET A 85 -19.09 6.83 12.62
CA MET A 85 -18.59 6.92 13.99
C MET A 85 -19.70 7.23 14.95
N THR A 86 -19.76 6.41 15.98
CA THR A 86 -20.82 6.46 16.89
C THR A 86 -20.31 6.99 18.26
N LYS A 87 -18.98 7.01 18.44
CA LYS A 87 -18.28 7.41 19.68
C LYS A 87 -16.75 7.62 19.42
N TYR A 88 -16.22 8.74 19.93
CA TYR A 88 -14.81 8.98 19.94
C TYR A 88 -14.27 9.08 21.39
N GLU A 89 -13.16 8.41 21.66
CA GLU A 89 -12.52 8.56 22.97
C GLU A 89 -11.06 8.23 22.88
N ASP A 90 -10.24 9.27 23.07
CA ASP A 90 -8.80 9.12 23.19
C ASP A 90 -8.25 8.23 22.09
N GLY A 91 -8.50 8.55 20.82
CA GLY A 91 -7.86 7.79 19.76
C GLY A 91 -8.71 6.62 19.28
N LYS A 92 -9.81 6.31 19.96
CA LYS A 92 -10.65 5.21 19.53
C LYS A 92 -11.86 5.71 18.78
N ILE A 93 -12.00 5.28 17.54
CA ILE A 93 -13.15 5.62 16.76
C ILE A 93 -14.05 4.39 16.74
N HIS A 94 -15.08 4.40 17.58
CA HIS A 94 -16.09 3.33 17.59
C HIS A 94 -17.16 3.68 16.59
N GLY A 95 -17.59 2.69 15.82
CA GLY A 95 -18.55 2.96 14.75
C GLY A 95 -19.15 1.71 14.14
N ASP A 96 -20.16 1.91 13.28
CA ASP A 96 -20.87 0.82 12.65
C ASP A 96 -20.34 0.74 11.30
N LEU A 97 -19.75 -0.40 10.97
CA LEU A 97 -19.31 -0.65 9.58
C LEU A 97 -20.27 -1.55 8.79
N THR A 98 -20.58 -1.19 7.53
CA THR A 98 -21.55 -1.95 6.80
C THR A 98 -20.96 -2.34 5.42
N LEU A 99 -21.02 -3.63 5.09
CA LEU A 99 -20.26 -4.20 3.98
C LEU A 99 -21.10 -5.40 3.58
N HIS A 100 -21.32 -5.59 2.28
CA HIS A 100 -22.05 -6.77 1.86
C HIS A 100 -23.40 -6.91 2.56
N GLY A 101 -24.05 -5.79 2.85
CA GLY A 101 -25.39 -5.82 3.44
C GLY A 101 -25.44 -6.12 4.94
N VAL A 102 -24.29 -6.30 5.57
CA VAL A 102 -24.19 -6.60 7.03
C VAL A 102 -23.53 -5.40 7.75
N THR A 103 -24.00 -5.03 8.94
CA THR A 103 -23.45 -3.93 9.78
C THR A 103 -23.00 -4.54 11.13
N LYS A 104 -21.78 -4.22 11.59
CA LYS A 104 -21.17 -4.76 12.83
C LYS A 104 -20.54 -3.61 13.53
N PRO A 105 -20.59 -3.61 14.87
CA PRO A 105 -19.82 -2.55 15.49
C PRO A 105 -18.32 -2.87 15.37
N VAL A 106 -17.51 -1.85 15.15
CA VAL A 106 -16.07 -2.03 15.12
C VAL A 106 -15.41 -0.82 15.72
N VAL A 107 -14.11 -0.95 15.99
CA VAL A 107 -13.30 0.12 16.54
C VAL A 107 -12.06 0.29 15.65
N LEU A 108 -11.87 1.49 15.13
CA LEU A 108 -10.59 1.88 14.53
C LEU A 108 -9.71 2.72 15.45
N GLU A 109 -8.43 2.43 15.45
CA GLU A 109 -7.44 3.13 16.25
C GLU A 109 -7.00 4.32 15.37
N ALA A 110 -7.06 5.53 15.92
CA ALA A 110 -6.83 6.69 15.09
C ALA A 110 -5.78 7.65 15.65
N LYS A 111 -5.29 8.48 14.74
CA LYS A 111 -4.27 9.47 15.03
C LYS A 111 -4.55 10.72 14.21
N ILE A 112 -4.63 11.88 14.88
CA ILE A 112 -4.90 13.17 14.26
C ILE A 112 -3.65 14.07 14.44
N GLN A 113 -3.20 14.71 13.36
CA GLN A 113 -2.19 15.77 13.44
C GLN A 113 -2.86 16.98 12.88
N ALA A 114 -2.77 18.10 13.60
CA ALA A 114 -3.60 19.32 13.40
C ALA A 114 -3.21 20.29 14.51
N PRO A 115 -3.33 21.62 14.28
CA PRO A 115 -3.57 22.27 12.98
C PRO A 115 -2.31 22.24 12.10
N LEU A 116 -2.48 21.97 10.81
CA LEU A 116 -1.34 22.01 9.89
C LEU A 116 -1.60 23.05 8.81
N GLN A 117 -0.54 23.54 8.20
CA GLN A 117 -0.64 24.52 7.10
C GLN A 117 0.02 23.99 5.83
N ASN A 118 -0.73 24.00 4.73
CA ASN A 118 -0.22 23.55 3.46
C ASN A 118 0.85 24.57 3.04
N PRO A 119 2.11 24.13 2.90
CA PRO A 119 3.18 25.09 2.68
C PRO A 119 3.10 25.79 1.34
N MET A 120 2.22 25.35 0.45
CA MET A 120 1.99 26.02 -0.85
C MET A 120 0.92 27.09 -0.74
N ASN A 121 -0.33 26.65 -0.62
CA ASN A 121 -1.48 27.56 -0.70
C ASN A 121 -1.85 28.24 0.64
N LYS A 122 -1.04 28.02 1.67
CA LYS A 122 -1.28 28.54 3.04
C LYS A 122 -2.56 28.05 3.76
N LYS A 123 -3.27 27.07 3.20
CA LYS A 123 -4.55 26.65 3.79
C LYS A 123 -4.37 25.64 4.92
N GLU A 124 -5.28 25.74 5.89
CA GLU A 124 -5.20 24.95 7.10
C GLU A 124 -5.78 23.59 6.78
N PHE A 125 -5.08 22.55 7.24
CA PHE A 125 -5.58 21.22 7.13
C PHE A 125 -5.27 20.38 8.36
N MET A 126 -5.64 19.11 8.26
CA MET A 126 -5.39 18.10 9.28
C MET A 126 -5.09 16.79 8.55
N VAL A 127 -4.20 15.97 9.14
CA VAL A 127 -4.08 14.58 8.70
C VAL A 127 -4.83 13.71 9.70
N LEU A 128 -5.73 12.86 9.20
CA LEU A 128 -6.38 11.85 9.98
C LEU A 128 -5.99 10.47 9.43
N GLN A 129 -5.42 9.64 10.29
CA GLN A 129 -5.04 8.26 9.93
C GLN A 129 -5.68 7.29 10.91
N ALA A 130 -6.26 6.25 10.34
CA ALA A 130 -6.92 5.26 11.19
C ALA A 130 -6.69 3.85 10.69
N GLU A 131 -6.70 2.90 11.61
CA GLU A 131 -6.42 1.51 11.35
C GLU A 131 -7.32 0.63 12.20
N GLY A 132 -7.85 -0.41 11.56
CA GLY A 132 -8.60 -1.44 12.20
C GLY A 132 -8.34 -2.77 11.56
N LYS A 133 -8.99 -3.80 12.11
CA LYS A 133 -9.00 -5.11 11.50
C LYS A 133 -10.37 -5.73 11.71
N ILE A 134 -10.83 -6.49 10.72
CA ILE A 134 -12.19 -7.05 10.74
C ILE A 134 -12.00 -8.46 10.17
N ASN A 135 -12.96 -9.34 10.41
CA ASN A 135 -13.03 -10.61 9.70
C ASN A 135 -13.96 -10.47 8.50
N ARG A 136 -13.46 -10.67 7.28
CA ARG A 136 -14.35 -10.57 6.08
C ARG A 136 -15.56 -11.52 6.19
N LYS A 137 -15.38 -12.69 6.84
CA LYS A 137 -16.45 -13.68 7.01
C LYS A 137 -17.58 -13.25 7.95
N ASP A 138 -17.29 -12.32 8.87
CA ASP A 138 -18.34 -11.77 9.72
C ASP A 138 -19.34 -10.96 8.87
N PHE A 139 -18.88 -10.48 7.72
CA PHE A 139 -19.75 -9.74 6.78
C PHE A 139 -20.24 -10.66 5.65
N GLY A 140 -19.97 -11.96 5.76
CA GLY A 140 -20.31 -12.92 4.70
C GLY A 140 -19.60 -12.65 3.39
N ILE A 141 -18.40 -12.09 3.44
CA ILE A 141 -17.63 -11.86 2.21
C ILE A 141 -16.67 -13.03 1.94
N GLY A 142 -17.01 -13.86 0.94
CA GLY A 142 -16.13 -14.96 0.54
C GLY A 142 -16.08 -16.20 1.40
N LYS A 143 -17.24 -16.67 1.88
CA LYS A 143 -17.37 -17.84 2.74
C LYS A 143 -16.73 -19.09 2.19
N THR A 144 -16.62 -19.16 0.87
CA THR A 144 -16.20 -20.38 0.20
C THR A 144 -14.66 -20.42 0.08
N PHE A 145 -14.03 -19.30 0.46
CA PHE A 145 -12.56 -19.21 0.40
C PHE A 145 -11.94 -19.42 1.77
N SER A 146 -11.13 -20.46 1.89
CA SER A 146 -10.46 -20.80 3.15
C SER A 146 -9.37 -19.79 3.52
N ASP A 147 -9.11 -19.69 4.82
CA ASP A 147 -8.13 -18.76 5.39
C ASP A 147 -6.71 -18.98 4.84
N ALA A 148 -6.41 -20.22 4.41
CA ALA A 148 -5.09 -20.58 3.89
C ALA A 148 -4.86 -20.01 2.51
N VAL A 149 -5.93 -19.58 1.84
CA VAL A 149 -5.80 -19.00 0.48
C VAL A 149 -6.00 -17.49 0.54
N VAL A 150 -7.12 -17.07 1.13
CA VAL A 150 -7.39 -15.65 1.44
C VAL A 150 -7.63 -15.47 2.96
N GLY A 151 -6.72 -14.77 3.63
CA GLY A 151 -6.85 -14.49 5.07
C GLY A 151 -8.26 -14.04 5.46
N ASP A 152 -8.80 -14.62 6.54
CA ASP A 152 -10.12 -14.20 7.10
C ASP A 152 -10.01 -12.74 7.59
N GLU A 153 -8.81 -12.40 8.08
CA GLU A 153 -8.62 -11.12 8.74
C GLU A 153 -8.20 -10.06 7.77
N VAL A 154 -8.82 -8.90 7.90
CA VAL A 154 -8.54 -7.83 6.93
C VAL A 154 -8.13 -6.59 7.69
N LYS A 155 -6.90 -6.13 7.43
CA LYS A 155 -6.45 -4.84 7.96
C LYS A 155 -6.98 -3.68 7.07
N ILE A 156 -7.59 -2.67 7.72
CA ILE A 156 -8.14 -1.44 7.13
C ILE A 156 -7.25 -0.31 7.61
N GLU A 157 -6.79 0.49 6.67
CA GLU A 157 -6.11 1.72 6.99
C GLU A 157 -6.65 2.90 6.17
N LEU A 158 -6.99 3.97 6.87
CA LEU A 158 -7.47 5.18 6.24
C LEU A 158 -6.39 6.20 6.44
N LYS A 159 -6.04 6.92 5.37
CA LYS A 159 -5.04 7.99 5.41
C LYS A 159 -5.64 9.23 4.76
N LEU A 160 -6.03 10.19 5.57
CA LEU A 160 -6.83 11.31 5.09
C LEU A 160 -6.11 12.62 5.30
N GLU A 161 -6.15 13.46 4.28
CA GLU A 161 -5.77 14.85 4.45
C GLU A 161 -7.05 15.64 4.24
N ALA A 162 -7.39 16.50 5.22
CA ALA A 162 -8.70 17.16 5.18
C ALA A 162 -8.55 18.64 5.38
N TYR A 163 -9.13 19.47 4.50
CA TYR A 163 -9.05 20.94 4.66
C TYR A 163 -10.21 21.60 5.42
N ALA A 164 -9.89 22.45 6.41
CA ALA A 164 -10.91 23.17 7.12
C ALA A 164 -11.77 23.89 6.07
N LYS B 1 16.20 -24.17 -6.83
CA LYS B 1 16.72 -22.93 -7.47
C LYS B 1 17.01 -23.22 -8.94
N PRO B 2 16.60 -22.34 -9.89
CA PRO B 2 15.93 -21.02 -9.91
C PRO B 2 14.44 -20.93 -9.53
N TYR B 3 13.91 -19.70 -9.46
CA TYR B 3 12.49 -19.42 -9.25
C TYR B 3 11.97 -18.38 -10.24
N THR B 4 10.67 -18.39 -10.50
CA THR B 4 10.10 -17.44 -11.46
C THR B 4 8.97 -16.67 -10.81
N ILE B 5 9.15 -15.37 -10.70
CA ILE B 5 8.21 -14.50 -10.02
C ILE B 5 6.85 -14.59 -10.71
N ASP B 6 5.80 -14.75 -9.89
CA ASP B 6 4.42 -14.64 -10.34
C ASP B 6 4.02 -13.14 -10.21
N LYS B 7 3.91 -12.47 -11.37
CA LYS B 7 3.71 -11.01 -11.43
C LYS B 7 2.32 -10.62 -10.94
N ALA B 8 1.38 -11.55 -11.04
CA ALA B 8 0.01 -11.32 -10.60
C ALA B 8 -0.09 -11.20 -9.09
N ASN B 9 0.81 -11.87 -8.37
CA ASN B 9 0.80 -11.86 -6.92
C ASN B 9 2.09 -11.28 -6.30
N SER B 10 2.83 -10.48 -7.06
CA SER B 10 4.00 -9.80 -6.54
C SER B 10 3.86 -8.30 -6.73
N SER B 11 4.54 -7.53 -5.88
CA SER B 11 4.46 -6.10 -5.99
C SER B 11 5.74 -5.39 -5.55
N VAL B 12 5.93 -4.17 -6.07
CA VAL B 12 7.03 -3.33 -5.63
C VAL B 12 6.44 -2.01 -5.15
N TRP B 13 6.62 -1.73 -3.85
CA TRP B 13 5.98 -0.61 -3.18
C TRP B 13 7.01 0.45 -2.78
N PHE B 14 6.56 1.70 -2.70
CA PHE B 14 7.36 2.69 -2.04
C PHE B 14 6.40 3.47 -1.15
N GLU B 15 6.95 4.22 -0.21
CA GLU B 15 6.18 5.00 0.74
C GLU B 15 7.02 6.19 1.16
N VAL B 16 6.46 7.40 1.03
CA VAL B 16 7.21 8.58 1.41
C VAL B 16 6.31 9.63 2.11
N LYS B 17 6.82 10.31 3.13
CA LYS B 17 6.04 11.34 3.81
C LYS B 17 5.56 12.47 2.90
N HIS B 18 4.27 12.81 3.00
CA HIS B 18 3.71 13.97 2.31
C HIS B 18 3.32 15.04 3.35
N PHE B 19 3.89 16.24 3.22
CA PHE B 19 3.75 17.33 4.21
C PHE B 19 4.02 16.79 5.61
N LYS B 20 5.09 16.02 5.74
CA LYS B 20 5.60 15.49 7.02
C LYS B 20 4.78 14.38 7.68
N PHE B 21 3.47 14.49 7.60
CA PHE B 21 2.60 13.77 8.52
C PHE B 21 1.67 12.75 7.90
N ASN B 22 1.64 12.65 6.58
CA ASN B 22 0.83 11.63 5.93
C ASN B 22 1.66 10.84 4.89
N GLU B 23 1.32 9.60 4.63
CA GLU B 23 2.21 8.84 3.73
C GLU B 23 1.58 8.72 2.37
N THR B 24 2.36 8.93 1.35
CA THR B 24 1.96 8.69 0.02
C THR B 24 2.60 7.34 -0.33
N ARG B 25 1.76 6.38 -0.72
CA ARG B 25 2.21 5.05 -1.14
C ARG B 25 2.00 4.85 -2.59
N GLY B 26 2.91 4.12 -3.23
CA GLY B 26 2.65 3.71 -4.60
C GLY B 26 3.48 2.57 -5.12
N VAL B 27 3.25 2.23 -6.39
CA VAL B 27 3.88 1.05 -6.91
C VAL B 27 4.55 1.32 -8.24
N PHE B 28 5.41 0.40 -8.64
CA PHE B 28 5.74 0.25 -10.06
C PHE B 28 4.94 -0.95 -10.60
N ASP B 29 3.98 -0.65 -11.50
CA ASP B 29 3.14 -1.72 -12.02
C ASP B 29 3.88 -2.70 -12.92
N SER B 30 5.11 -2.38 -13.27
CA SER B 30 5.77 -3.24 -14.23
C SER B 30 7.22 -3.41 -13.88
N PHE B 31 7.61 -4.66 -13.65
CA PHE B 31 8.95 -4.99 -13.19
C PHE B 31 9.36 -6.39 -13.60
N ASP B 32 10.67 -6.63 -13.60
CA ASP B 32 11.20 -7.96 -13.88
C ASP B 32 12.27 -8.43 -12.91
N GLY B 33 12.59 -9.71 -12.96
CA GLY B 33 13.45 -10.19 -11.91
C GLY B 33 13.89 -11.62 -12.00
N LYS B 34 14.99 -11.87 -11.30
CA LYS B 34 15.69 -13.14 -11.33
C LYS B 34 15.89 -13.49 -9.84
N ILE B 35 15.60 -14.74 -9.47
CA ILE B 35 15.80 -15.24 -8.10
C ILE B 35 16.33 -16.66 -8.18
N ASP B 36 17.31 -16.97 -7.34
CA ASP B 36 17.83 -18.33 -7.16
C ASP B 36 18.02 -18.44 -5.67
N ALA B 37 17.52 -19.52 -5.10
CA ALA B 37 17.51 -19.65 -3.65
C ALA B 37 17.40 -21.08 -3.20
N ASP B 38 17.81 -21.32 -1.95
CA ASP B 38 17.62 -22.58 -1.27
C ASP B 38 16.43 -22.52 -0.30
N PRO B 39 15.35 -23.29 -0.58
CA PRO B 39 14.13 -23.39 0.25
C PRO B 39 14.42 -23.68 1.72
N ASN B 40 15.25 -24.68 1.99
CA ASN B 40 15.74 -24.94 3.34
C ASN B 40 16.96 -24.07 3.51
N THR B 41 17.35 -23.80 4.76
CA THR B 41 18.45 -22.85 5.08
C THR B 41 18.07 -21.41 4.75
N LYS B 42 17.23 -21.22 3.73
CA LYS B 42 16.78 -19.88 3.31
C LYS B 42 17.93 -18.98 2.78
N ALA B 43 18.93 -19.57 2.16
CA ALA B 43 19.97 -18.77 1.52
C ALA B 43 19.46 -18.19 0.21
N LEU B 44 19.72 -16.91 -0.01
CA LEU B 44 19.52 -16.29 -1.32
C LEU B 44 20.86 -16.30 -2.05
N ASN B 45 20.84 -16.72 -3.32
CA ASN B 45 22.08 -16.83 -4.13
C ASN B 45 22.14 -15.75 -5.21
N VAL B 46 21.00 -15.54 -5.87
CA VAL B 46 20.85 -14.52 -6.89
C VAL B 46 19.53 -13.75 -6.66
N PHE B 47 19.64 -12.43 -6.67
CA PHE B 47 18.50 -11.54 -6.50
C PHE B 47 18.77 -10.23 -7.21
N GLU B 48 18.21 -10.12 -8.40
CA GLU B 48 18.29 -8.88 -9.16
C GLU B 48 16.92 -8.59 -9.75
N GLY B 49 16.71 -7.33 -10.16
CA GLY B 49 15.45 -6.87 -10.73
C GLY B 49 15.59 -5.58 -11.51
N LYS B 50 14.64 -5.31 -12.40
CA LYS B 50 14.49 -4.00 -13.02
C LYS B 50 13.04 -3.55 -12.84
N ILE B 51 12.83 -2.24 -12.76
CA ILE B 51 11.47 -1.67 -12.78
C ILE B 51 11.40 -0.80 -14.03
N ASP B 52 10.20 -0.66 -14.61
CA ASP B 52 9.98 0.32 -15.69
C ASP B 52 9.42 1.56 -15.02
N ILE B 53 10.16 2.66 -15.12
CA ILE B 53 9.85 3.88 -14.38
C ILE B 53 8.52 4.49 -14.83
N LYS B 54 8.21 4.39 -16.12
CA LYS B 54 6.92 4.85 -16.64
C LYS B 54 5.70 4.16 -15.98
N SER B 55 5.89 2.99 -15.36
CA SER B 55 4.77 2.26 -14.69
C SER B 55 4.42 2.80 -13.32
N ILE B 56 5.16 3.82 -12.89
CA ILE B 56 4.91 4.41 -11.56
C ILE B 56 3.39 4.72 -11.38
N ASN B 57 2.85 4.45 -10.19
CA ASN B 57 1.41 4.61 -10.01
C ASN B 57 0.94 5.60 -8.91
N THR B 58 0.81 5.29 -7.64
CA THR B 58 0.32 6.45 -6.82
C THR B 58 -1.18 6.90 -7.03
N ARG B 59 -1.84 6.41 -8.08
CA ARG B 59 -3.29 6.69 -8.32
C ARG B 59 -3.71 8.16 -8.44
N ASN B 60 -2.82 8.98 -8.98
CA ASN B 60 -3.07 10.41 -9.13
C ASN B 60 -2.32 10.91 -10.39
N LYS B 61 -3.06 11.33 -11.42
CA LYS B 61 -2.45 11.74 -12.71
C LYS B 61 -1.51 12.94 -12.60
N LYS B 62 -2.03 14.05 -12.05
CA LYS B 62 -1.21 15.25 -11.89
C LYS B 62 0.10 14.89 -11.17
N ARG B 63 -0.01 14.03 -10.17
CA ARG B 63 1.19 13.70 -9.36
C ARG B 63 2.13 12.78 -10.13
N ASP B 64 1.57 11.70 -10.66
CA ASP B 64 2.31 10.76 -11.44
C ASP B 64 2.95 11.45 -12.66
N ASP B 65 2.26 12.41 -13.29
CA ASP B 65 2.85 13.06 -14.47
C ASP B 65 4.09 13.88 -14.03
N HIS B 66 3.97 14.51 -12.87
CA HIS B 66 5.07 15.26 -12.30
C HIS B 66 6.26 14.37 -11.94
N LEU B 67 5.97 13.20 -11.40
CA LEU B 67 7.07 12.30 -10.98
C LEU B 67 7.95 11.91 -12.16
N LYS B 68 7.33 11.77 -13.32
CA LYS B 68 8.00 11.36 -14.57
C LYS B 68 8.83 12.48 -15.21
N THR B 69 8.46 13.74 -14.99
CA THR B 69 9.27 14.94 -15.39
C THR B 69 10.74 14.91 -14.94
N ALA B 70 11.59 15.76 -15.56
CA ALA B 70 12.94 16.06 -15.05
C ALA B 70 12.96 16.60 -13.60
N GLU B 71 11.88 17.20 -13.13
CA GLU B 71 11.77 17.54 -11.70
C GLU B 71 12.01 16.36 -10.69
N PHE B 72 11.74 15.13 -11.11
CA PHE B 72 11.92 13.91 -10.27
C PHE B 72 12.71 12.82 -10.99
N PHE B 73 12.03 11.87 -11.65
CA PHE B 73 12.66 10.70 -12.28
C PHE B 73 13.22 10.92 -13.69
N ASP B 74 12.66 11.87 -14.45
CA ASP B 74 13.03 12.03 -15.88
C ASP B 74 13.01 10.65 -16.57
N VAL B 75 11.81 10.07 -16.69
CA VAL B 75 11.59 8.78 -17.39
C VAL B 75 12.06 8.81 -18.85
N VAL B 76 11.93 9.97 -19.50
CA VAL B 76 12.39 10.08 -20.91
C VAL B 76 13.92 9.85 -21.03
N LYS B 77 14.68 10.19 -19.99
CA LYS B 77 16.13 9.99 -20.00
C LYS B 77 16.54 8.66 -19.32
N TYR B 78 15.94 8.38 -18.17
CA TYR B 78 16.23 7.16 -17.40
C TYR B 78 14.96 6.30 -17.28
N PRO B 79 14.75 5.41 -18.24
CA PRO B 79 13.48 4.71 -18.40
C PRO B 79 13.30 3.62 -17.35
N LYS B 80 14.43 3.21 -16.76
CA LYS B 80 14.55 2.04 -15.90
C LYS B 80 15.24 2.36 -14.59
N GLY B 81 14.90 1.56 -13.57
CA GLY B 81 15.67 1.41 -12.35
C GLY B 81 16.05 -0.04 -12.15
N SER B 82 17.12 -0.31 -11.41
CA SER B 82 17.55 -1.70 -11.29
C SER B 82 18.25 -2.00 -9.97
N PHE B 83 18.17 -3.25 -9.54
CA PHE B 83 18.81 -3.68 -8.32
C PHE B 83 19.52 -4.98 -8.55
N LYS B 84 20.72 -5.17 -8.00
CA LYS B 84 21.36 -6.49 -8.03
C LYS B 84 21.96 -6.75 -6.69
N MET B 85 21.70 -7.94 -6.17
CA MET B 85 22.18 -8.33 -4.86
C MET B 85 23.63 -8.67 -4.96
N THR B 86 24.34 -8.22 -3.96
CA THR B 86 25.77 -8.33 -4.02
C THR B 86 26.29 -9.34 -2.99
N LYS B 87 25.53 -9.54 -1.93
CA LYS B 87 25.94 -10.42 -0.86
C LYS B 87 24.71 -10.67 0.05
N TYR B 88 24.45 -11.93 0.39
CA TYR B 88 23.37 -12.29 1.32
C TYR B 88 23.94 -12.72 2.64
N GLU B 89 23.59 -12.00 3.72
CA GLU B 89 24.10 -12.37 5.08
C GLU B 89 23.17 -12.06 6.29
N ASP B 90 23.01 -13.07 7.13
CA ASP B 90 22.05 -13.07 8.26
C ASP B 90 20.73 -12.31 8.02
N GLY B 91 20.04 -12.63 6.93
CA GLY B 91 18.73 -12.04 6.66
C GLY B 91 18.77 -10.72 5.93
N LYS B 92 19.97 -10.32 5.47
CA LYS B 92 20.13 -9.02 4.80
C LYS B 92 20.61 -9.14 3.36
N ILE B 93 19.87 -8.52 2.47
CA ILE B 93 20.23 -8.42 1.04
C ILE B 93 21.05 -7.13 0.92
N HIS B 94 22.36 -7.27 0.69
CA HIS B 94 23.26 -6.17 0.33
C HIS B 94 23.27 -6.05 -1.19
N GLY B 95 23.16 -4.85 -1.75
CA GLY B 95 23.23 -4.74 -3.20
C GLY B 95 23.27 -3.31 -3.70
N ASP B 96 23.31 -3.17 -5.03
CA ASP B 96 23.49 -1.87 -5.72
C ASP B 96 22.20 -1.47 -6.45
N LEU B 97 21.66 -0.29 -6.12
CA LEU B 97 20.41 0.19 -6.70
C LEU B 97 20.72 1.35 -7.63
N THR B 98 20.13 1.32 -8.81
CA THR B 98 20.45 2.32 -9.81
C THR B 98 19.15 3.06 -10.13
N LEU B 99 19.13 4.37 -9.88
CA LEU B 99 17.94 5.16 -10.17
C LEU B 99 18.46 6.48 -10.68
N HIS B 100 17.78 7.05 -11.66
CA HIS B 100 18.11 8.40 -12.14
C HIS B 100 19.58 8.56 -12.49
N GLY B 101 20.21 7.43 -12.82
CA GLY B 101 21.53 7.42 -13.40
C GLY B 101 22.60 7.34 -12.34
N VAL B 102 22.17 7.07 -11.12
CA VAL B 102 23.08 6.98 -9.99
C VAL B 102 22.96 5.58 -9.41
N THR B 103 24.09 4.98 -9.05
CA THR B 103 24.11 3.70 -8.36
C THR B 103 24.68 3.92 -6.96
N LYS B 104 24.03 3.33 -5.96
CA LYS B 104 24.49 3.45 -4.57
C LYS B 104 24.24 2.11 -3.88
N PRO B 105 25.02 1.81 -2.83
CA PRO B 105 24.82 0.56 -2.10
C PRO B 105 23.61 0.65 -1.18
N VAL B 106 22.74 -0.35 -1.20
CA VAL B 106 21.60 -0.37 -0.28
C VAL B 106 21.46 -1.74 0.40
N VAL B 107 20.96 -1.76 1.63
CA VAL B 107 20.77 -2.98 2.40
C VAL B 107 19.26 -3.15 2.54
N LEU B 108 18.78 -4.34 2.23
CA LEU B 108 17.37 -4.69 2.40
C LEU B 108 17.22 -5.85 3.38
N GLU B 109 16.33 -5.69 4.37
CA GLU B 109 16.00 -6.79 5.26
C GLU B 109 15.03 -7.73 4.59
N ALA B 110 15.35 -9.01 4.62
CA ALA B 110 14.59 -10.00 3.89
C ALA B 110 13.88 -10.96 4.82
N LYS B 111 12.77 -11.49 4.36
CA LYS B 111 12.08 -12.56 5.06
C LYS B 111 11.64 -13.57 4.01
N ILE B 112 12.10 -14.82 4.16
CA ILE B 112 11.78 -15.89 3.24
C ILE B 112 10.85 -16.94 3.87
N GLN B 113 9.72 -17.20 3.23
CA GLN B 113 8.85 -18.33 3.62
C GLN B 113 8.96 -19.34 2.51
N ALA B 114 9.47 -20.51 2.87
CA ALA B 114 9.80 -21.57 1.91
C ALA B 114 10.14 -22.81 2.75
N PRO B 115 9.87 -24.03 2.23
CA PRO B 115 9.14 -24.30 1.00
C PRO B 115 7.64 -24.20 1.21
N LEU B 116 6.96 -23.60 0.25
CA LEU B 116 5.53 -23.49 0.36
C LEU B 116 4.93 -24.32 -0.75
N GLN B 117 3.69 -24.77 -0.54
CA GLN B 117 2.98 -25.54 -1.57
C GLN B 117 1.71 -24.81 -1.92
N ASN B 118 1.49 -24.55 -3.21
CA ASN B 118 0.25 -23.98 -3.69
C ASN B 118 -0.94 -24.92 -3.43
N PRO B 119 -1.87 -24.56 -2.53
CA PRO B 119 -2.97 -25.46 -2.19
C PRO B 119 -3.78 -25.95 -3.39
N MET B 120 -3.86 -25.17 -4.45
CA MET B 120 -4.67 -25.56 -5.60
C MET B 120 -3.89 -26.54 -6.46
N ASN B 121 -2.87 -26.06 -7.14
CA ASN B 121 -2.13 -26.91 -8.10
C ASN B 121 -0.92 -27.66 -7.53
N LYS B 122 -0.75 -27.68 -6.20
CA LYS B 122 0.32 -28.48 -5.53
C LYS B 122 1.76 -28.15 -5.95
N LYS B 123 1.94 -27.10 -6.76
CA LYS B 123 3.27 -26.67 -7.21
C LYS B 123 3.98 -25.89 -6.11
N GLU B 124 5.30 -26.07 -6.04
CA GLU B 124 6.12 -25.49 -4.98
C GLU B 124 6.44 -24.00 -5.23
N PHE B 125 6.34 -23.20 -4.16
CA PHE B 125 6.70 -21.79 -4.23
C PHE B 125 7.33 -21.29 -2.96
N MET B 126 7.67 -20.00 -2.97
CA MET B 126 8.21 -19.30 -1.82
C MET B 126 7.62 -17.89 -1.80
N VAL B 127 7.54 -17.30 -0.61
CA VAL B 127 7.23 -15.88 -0.45
C VAL B 127 8.49 -15.18 0.04
N LEU B 128 8.87 -14.12 -0.66
CA LEU B 128 10.07 -13.36 -0.33
C LEU B 128 9.66 -11.94 -0.04
N GLN B 129 9.99 -11.47 1.15
CA GLN B 129 9.69 -10.09 1.50
C GLN B 129 10.96 -9.34 1.78
N ALA B 130 11.06 -8.15 1.20
CA ALA B 130 12.24 -7.33 1.39
C ALA B 130 11.84 -5.90 1.63
N GLU B 131 12.41 -5.30 2.68
CA GLU B 131 12.18 -3.92 3.06
C GLU B 131 13.48 -3.13 3.28
N GLY B 132 13.47 -1.85 2.91
CA GLY B 132 14.59 -0.97 3.18
C GLY B 132 14.18 0.46 2.95
N LYS B 133 15.17 1.36 2.88
CA LYS B 133 14.92 2.79 2.74
C LYS B 133 16.07 3.42 1.99
N ILE B 134 15.78 4.45 1.18
CA ILE B 134 16.85 5.23 0.60
C ILE B 134 16.55 6.70 0.82
N ASN B 135 17.53 7.58 0.57
CA ASN B 135 17.25 9.02 0.44
C ASN B 135 17.20 9.31 -1.02
N ARG B 136 16.03 9.70 -1.47
CA ARG B 136 15.78 10.01 -2.84
C ARG B 136 16.80 11.02 -3.37
N LYS B 137 17.27 11.92 -2.52
CA LYS B 137 18.24 12.94 -2.87
C LYS B 137 19.64 12.38 -3.14
N ASP B 138 19.92 11.24 -2.54
CA ASP B 138 21.17 10.55 -2.80
C ASP B 138 21.26 10.13 -4.28
N PHE B 139 20.11 9.98 -4.93
CA PHE B 139 20.07 9.64 -6.36
C PHE B 139 19.77 10.84 -7.27
N GLY B 140 19.62 12.00 -6.65
CA GLY B 140 19.34 13.23 -7.37
C GLY B 140 17.89 13.39 -7.81
N ILE B 141 16.96 12.75 -7.11
CA ILE B 141 15.55 12.82 -7.50
C ILE B 141 14.82 13.83 -6.64
N GLY B 142 14.33 14.88 -7.30
CA GLY B 142 13.54 15.94 -6.67
C GLY B 142 14.33 16.87 -5.77
N LYS B 143 15.56 17.21 -6.19
CA LYS B 143 16.41 18.13 -5.45
C LYS B 143 15.68 19.42 -5.06
N THR B 144 14.74 19.90 -5.91
CA THR B 144 14.09 21.22 -5.68
C THR B 144 12.92 21.11 -4.68
N PHE B 145 12.64 19.90 -4.22
CA PHE B 145 11.49 19.72 -3.35
C PHE B 145 11.94 19.52 -1.94
N SER B 146 11.50 20.39 -1.06
CA SER B 146 11.91 20.34 0.36
C SER B 146 11.40 19.07 1.07
N ASP B 147 12.11 18.62 2.12
CA ASP B 147 11.76 17.39 2.90
C ASP B 147 10.44 17.57 3.63
N ALA B 148 10.05 18.83 3.78
CA ALA B 148 8.84 19.11 4.52
C ALA B 148 7.64 19.07 3.59
N VAL B 149 7.91 19.00 2.29
CA VAL B 149 6.81 18.82 1.36
C VAL B 149 6.77 17.35 0.93
N VAL B 150 7.91 16.85 0.45
CA VAL B 150 8.12 15.45 0.09
C VAL B 150 9.29 14.85 0.86
N GLY B 151 9.00 13.89 1.72
CA GLY B 151 10.10 13.22 2.41
C GLY B 151 11.28 12.78 1.55
N ASP B 152 12.46 13.05 2.08
CA ASP B 152 13.74 12.65 1.50
C ASP B 152 13.91 11.14 1.68
N GLU B 153 13.39 10.62 2.79
CA GLU B 153 13.49 9.21 3.04
C GLU B 153 12.36 8.45 2.34
N VAL B 154 12.71 7.39 1.63
CA VAL B 154 11.74 6.58 0.90
C VAL B 154 11.84 5.11 1.34
N LYS B 155 10.74 4.54 1.81
CA LYS B 155 10.75 3.15 2.30
C LYS B 155 10.45 2.29 1.10
N ILE B 156 11.20 1.21 0.88
CA ILE B 156 11.00 0.30 -0.28
C ILE B 156 10.46 -1.01 0.29
N GLU B 157 9.38 -1.53 -0.29
CA GLU B 157 8.94 -2.90 0.09
C GLU B 157 8.71 -3.74 -1.15
N LEU B 158 9.34 -4.90 -1.13
CA LEU B 158 9.25 -5.90 -2.19
C LEU B 158 8.45 -7.05 -1.62
N LYS B 159 7.37 -7.42 -2.34
CA LYS B 159 6.46 -8.52 -1.93
C LYS B 159 6.27 -9.51 -3.10
N LEU B 160 6.99 -10.62 -3.05
CA LEU B 160 7.05 -11.51 -4.21
C LEU B 160 6.57 -12.89 -3.89
N GLU B 161 5.73 -13.45 -4.74
CA GLU B 161 5.56 -14.91 -4.71
C GLU B 161 6.27 -15.44 -5.96
N ALA B 162 7.13 -16.44 -5.75
CA ALA B 162 7.95 -16.96 -6.81
C ALA B 162 7.91 -18.48 -6.88
N TYR B 163 7.62 -19.02 -8.07
CA TYR B 163 7.48 -20.48 -8.25
C TYR B 163 8.72 -21.21 -8.81
N ALA B 164 9.05 -22.33 -8.19
CA ALA B 164 10.20 -23.08 -8.61
C ALA B 164 10.02 -23.50 -10.09
C22 ERU C . -13.56 7.09 4.63
C21 ERU C . -14.22 7.29 6.02
C20 ERU C . -15.01 6.05 6.45
C19 ERU C . -14.31 4.77 5.96
C18 ERU C . -15.19 3.81 5.17
C17 ERU C . -14.53 2.46 5.51
C16 ERU C . -14.79 1.44 4.50
C15 ERU C . -13.92 0.25 4.79
C14 ERU C . -12.65 0.28 4.19
C13 ERU C . -12.15 -0.98 3.95
C12 ERU C . -13.06 -1.97 4.35
C11 ERU C . -12.64 -3.45 4.14
C10 ERU C . -13.09 -4.03 2.78
C9 ERU C . -12.58 -5.49 2.74
C8 ERU C . -11.52 -5.67 1.65
C7 ERU C . -10.95 -7.10 1.54
C6 ERU C . -11.28 -7.65 0.14
C5 ERU C . -10.83 -9.09 -0.09
C4 ERU C . -9.47 -9.07 -0.77
C3 ERU C . -9.04 -10.48 -1.22
C2 ERU C . -7.65 -10.47 -1.87
C1 ERU C . -7.47 -11.57 -2.91
O ERU C . -8.29 -11.72 -3.82
N ERU C . -6.39 -12.31 -2.80
C22 ERU D . 13.95 -5.60 -7.62
C21 ERU D . 13.47 -4.29 -8.32
C20 ERU D . 14.44 -3.12 -8.18
C19 ERU D . 13.73 -1.81 -7.80
C18 ERU D . 13.84 -1.54 -6.27
C17 ERU D . 13.46 -0.11 -5.98
C16 ERU D . 12.05 0.04 -5.42
C15 ERU D . 11.55 1.51 -5.50
C14 ERU D . 12.64 2.36 -5.58
C13 ERU D . 12.58 3.73 -5.39
C12 ERU D . 11.41 4.34 -5.05
C11 ERU D . 11.50 5.87 -5.06
C10 ERU D . 10.05 6.34 -5.04
C9 ERU D . 9.92 7.79 -4.58
C8 ERU D . 8.78 8.46 -5.34
C7 ERU D . 8.56 9.89 -4.79
C6 ERU D . 7.06 10.02 -4.53
C5 ERU D . 6.66 11.48 -4.31
C4 ERU D . 5.14 11.52 -4.15
C3 ERU D . 4.64 12.95 -3.86
C2 ERU D . 5.25 13.96 -4.82
C1 ERU D . 4.43 15.25 -4.85
O ERU D . 3.29 15.23 -4.42
N ERU D . 4.98 16.34 -5.40
#